data_5HVY
#
_entry.id   5HVY
#
_cell.length_a   72.184
_cell.length_b   71.859
_cell.length_c   180.821
_cell.angle_alpha   90.00
_cell.angle_beta   90.00
_cell.angle_gamma   90.00
#
_symmetry.space_group_name_H-M   'P 21 21 21'
#
loop_
_entity.id
_entity.type
_entity.pdbx_description
1 polymer 'Cyclin-dependent kinase 8'
2 polymer Cyclin-C
3 non-polymer "N-{(3S)-1-[2-(methylamino)pyrimidin-4-yl]pyrrolidin-3-yl}-N'-{4-[(morpholin-4-yl)methyl]-3-(trifluoromethyl)phenyl}urea"
4 non-polymer 'FORMIC ACID'
5 non-polymer 'CHLORIDE ION'
6 water water
#
loop_
_entity_poly.entity_id
_entity_poly.type
_entity_poly.pdbx_seq_one_letter_code
_entity_poly.pdbx_strand_id
1 'polypeptide(L)'
;DDKMDYDFKVKLSSERERVEDLFEYEGCKVGRGTYGHVYKAKRKDGKDDKDYALKQIEGTGISMSACREIALLRELKHPN
VISLQKVFLSHADRKVWLLFDYAEHDLWHIIKFHRASKANKKPVQLPRGMVKSLLYQILDGIHYLHANWVLHRDLKPANI
LVMGEGPERGRVKIADMGFARLFNSPLKPLADLDPVVVTFWYRAPELLLGARHYTKAIDIWAIGCIFAELLTSEPIFHCR
QEDIKTSNPYHHDQLDRIFNVMGFPADKDWEDIKKMPEHSTLMKDFRRNTYTNCSLIKYMEKHKVKPDSKAFHLLQKLLT
MDPIKRITSEQAMQDPYFLEDPLPTSDVFAGCQIPYPKREFLTEEEPDDKGDKKNQQQQQGNNHTNGTGHPGNQDSSHTQ
GPPLKK
;
A
2 'polypeptide(L)'
;DDKAMAGNFWQSSHYLQWILDKQDLLKERQKDLKFLSEEEYWKLQIFFTNVIQALGEHLKLRQQVIATATVYFKRFYARY
SLKSIDPVLMAPTCVFLASKVEEFGVVSNTRLIAAATSVLKTRFSYAFPKEFPYRMNHILECEFYLLELMDCCLIVYHPY
RPLLQYVQDMGQEDMLLPLAWRIVNDTYRTDLCLLYPPFMIALACLHVACVVQQKDARQWFAELSVDMEKILEIIRVILK
LYEQWKNFDERKEMATILSKMPKPKPPPNSEGEQGPNGSQNSSYSQS
;
B
#
# COMPACT_ATOMS: atom_id res chain seq x y z
N ASP A 2 29.82 -1.52 -14.14
CA ASP A 2 30.29 -0.51 -15.14
C ASP A 2 29.13 0.35 -15.64
N LYS A 3 29.48 1.35 -16.45
CA LYS A 3 28.51 2.19 -17.17
C LYS A 3 27.72 3.18 -16.28
N MET A 4 27.95 3.12 -14.97
CA MET A 4 27.29 4.02 -14.01
C MET A 4 28.37 4.95 -13.43
N ASP A 5 28.01 6.16 -13.00
CA ASP A 5 29.06 7.11 -12.60
C ASP A 5 29.81 6.71 -11.32
N TYR A 6 31.13 6.69 -11.40
CA TYR A 6 31.99 6.20 -10.31
C TYR A 6 31.84 7.04 -9.02
N ASP A 7 32.04 8.34 -9.13
CA ASP A 7 31.88 9.26 -8.00
C ASP A 7 30.52 9.16 -7.33
N PHE A 8 29.48 8.99 -8.15
CA PHE A 8 28.13 8.75 -7.66
C PHE A 8 28.07 7.43 -6.85
N LYS A 9 28.58 6.34 -7.43
CA LYS A 9 28.54 5.03 -6.77
C LYS A 9 29.31 5.01 -5.44
N VAL A 10 30.55 5.49 -5.43
CA VAL A 10 31.38 5.40 -4.22
C VAL A 10 30.89 6.32 -3.10
N LYS A 11 30.35 7.48 -3.47
CA LYS A 11 29.85 8.42 -2.49
C LYS A 11 28.62 7.77 -1.82
N LEU A 12 27.78 7.14 -2.62
CA LEU A 12 26.60 6.50 -2.04
C LEU A 12 26.97 5.30 -1.17
N SER A 13 27.96 4.54 -1.57
CA SER A 13 28.37 3.39 -0.78
C SER A 13 28.91 3.80 0.60
N SER A 14 29.70 4.88 0.65
CA SER A 14 30.28 5.38 1.90
C SER A 14 29.19 5.85 2.87
N GLU A 15 28.18 6.52 2.32
CA GLU A 15 27.11 7.11 3.12
C GLU A 15 25.98 6.13 3.46
N ARG A 16 25.89 5.01 2.75
CA ARG A 16 24.75 4.11 2.91
C ARG A 16 24.73 3.41 4.26
N GLU A 17 23.58 3.45 4.92
CA GLU A 17 23.40 2.74 6.16
C GLU A 17 23.23 1.25 5.89
N ARG A 18 24.01 0.46 6.61
CA ARG A 18 23.96 -0.99 6.52
C ARG A 18 23.45 -1.52 7.85
N VAL A 19 22.50 -2.45 7.76
CA VAL A 19 21.77 -2.95 8.92
C VAL A 19 22.71 -3.63 9.93
N GLU A 20 23.74 -4.32 9.42
CA GLU A 20 24.70 -5.00 10.29
C GLU A 20 25.59 -4.05 11.09
N ASP A 21 25.82 -2.83 10.56
CA ASP A 21 26.61 -1.80 11.26
C ASP A 21 25.81 -1.09 12.35
N LEU A 22 24.51 -0.93 12.09
CA LEU A 22 23.64 -0.14 12.98
C LEU A 22 22.94 -0.95 14.07
N PHE A 23 22.85 -2.26 13.90
CA PHE A 23 22.05 -3.11 14.80
C PHE A 23 22.72 -4.41 15.18
N GLU A 24 22.47 -4.83 16.43
CA GLU A 24 22.89 -6.12 16.95
C GLU A 24 21.64 -7.01 16.97
N TYR A 25 21.72 -8.18 16.34
CA TYR A 25 20.57 -9.06 16.20
C TYR A 25 20.99 -10.52 16.01
N GLU A 26 22.30 -10.77 15.97
CA GLU A 26 22.80 -12.12 15.74
C GLU A 26 22.38 -13.05 16.88
N GLY A 27 21.84 -14.20 16.54
CA GLY A 27 21.36 -15.15 17.51
C GLY A 27 20.11 -14.69 18.25
N CYS A 28 19.49 -13.61 17.78
CA CYS A 28 18.29 -13.06 18.39
C CYS A 28 17.08 -13.24 17.47
N LYS A 29 17.04 -14.35 16.74
CA LYS A 29 15.89 -14.66 15.89
C LYS A 29 14.69 -14.97 16.78
N VAL A 30 13.49 -14.58 16.36
CA VAL A 30 12.26 -14.88 17.11
C VAL A 30 11.13 -15.44 16.23
N GLY A 31 11.32 -15.42 14.90
CA GLY A 31 10.34 -15.93 13.96
C GLY A 31 10.95 -16.50 12.68
N GLY A 36 9.91 -14.81 5.51
CA GLY A 36 11.27 -14.39 5.84
C GLY A 36 11.73 -14.78 7.25
N HIS A 37 12.49 -13.87 7.86
CA HIS A 37 13.10 -14.11 9.19
C HIS A 37 13.03 -12.85 10.05
N VAL A 38 12.60 -13.00 11.29
CA VAL A 38 12.38 -11.87 12.19
C VAL A 38 13.30 -11.92 13.40
N TYR A 39 13.94 -10.79 13.70
CA TYR A 39 14.91 -10.70 14.80
C TYR A 39 14.51 -9.62 15.77
N LYS A 40 14.84 -9.84 17.04
CA LYS A 40 14.81 -8.80 18.04
C LYS A 40 16.16 -8.12 17.95
N ALA A 41 16.16 -6.79 17.94
CA ALA A 41 17.37 -6.03 17.68
C ALA A 41 17.49 -4.78 18.57
N LYS A 42 18.73 -4.43 18.92
CA LYS A 42 19.04 -3.21 19.65
C LYS A 42 20.09 -2.43 18.86
N ARG A 43 20.12 -1.11 19.04
CA ARG A 43 21.12 -0.29 18.34
C ARG A 43 22.50 -0.49 18.95
N LYS A 44 23.55 -0.32 18.15
CA LYS A 44 24.91 -0.38 18.67
C LYS A 44 25.36 0.97 19.23
N ASP A 45 25.03 2.04 18.52
CA ASP A 45 25.25 3.40 19.00
C ASP A 45 24.15 3.73 20.00
N GLY A 46 24.33 3.28 21.24
CA GLY A 46 23.29 3.33 22.25
C GLY A 46 22.68 4.69 22.51
N LYS A 47 22.04 5.26 21.50
CA LYS A 47 21.33 6.51 21.67
C LYS A 47 20.05 6.22 22.46
N ASP A 48 19.34 5.19 22.03
CA ASP A 48 18.13 4.74 22.71
C ASP A 48 18.32 3.31 23.20
N ASP A 49 17.54 2.91 24.20
CA ASP A 49 17.58 1.55 24.74
C ASP A 49 16.33 0.79 24.30
N LYS A 50 15.72 1.22 23.21
CA LYS A 50 14.48 0.61 22.73
C LYS A 50 14.71 -0.68 21.94
N ASP A 51 13.86 -1.66 22.16
CA ASP A 51 13.88 -2.89 21.38
C ASP A 51 13.25 -2.68 19.99
N TYR A 52 13.81 -3.34 18.99
CA TYR A 52 13.32 -3.23 17.63
C TYR A 52 13.07 -4.62 17.07
N ALA A 53 12.19 -4.67 16.08
CA ALA A 53 11.91 -5.89 15.34
C ALA A 53 12.44 -5.67 13.94
N LEU A 54 13.17 -6.65 13.43
CA LEU A 54 13.88 -6.54 12.17
C LEU A 54 13.46 -7.74 11.35
N LYS A 55 13.02 -7.48 10.12
CA LYS A 55 12.61 -8.54 9.22
C LYS A 55 13.34 -8.46 7.90
N GLN A 56 14.01 -9.55 7.54
CA GLN A 56 14.60 -9.68 6.23
C GLN A 56 13.55 -10.37 5.37
N ILE A 57 13.16 -9.68 4.32
CA ILE A 57 12.12 -10.16 3.43
C ILE A 57 12.69 -11.32 2.64
N GLU A 58 11.84 -12.32 2.41
CA GLU A 58 12.26 -13.56 1.77
C GLU A 58 12.51 -13.33 0.29
N GLY A 59 13.40 -14.12 -0.28
CA GLY A 59 13.77 -13.96 -1.67
C GLY A 59 14.72 -12.79 -1.83
N THR A 60 15.03 -12.44 -3.06
CA THR A 60 15.90 -11.32 -3.34
C THR A 60 15.19 -10.33 -4.24
N GLY A 61 15.67 -9.09 -4.24
CA GLY A 61 15.04 -8.07 -5.04
C GLY A 61 13.75 -7.70 -4.36
N ILE A 62 12.79 -7.21 -5.14
CA ILE A 62 11.51 -6.79 -4.59
C ILE A 62 10.35 -7.26 -5.49
N SER A 63 9.57 -8.23 -4.99
CA SER A 63 8.48 -8.80 -5.78
C SER A 63 7.31 -7.87 -5.80
N MET A 64 6.34 -8.18 -6.64
CA MET A 64 5.11 -7.39 -6.73
C MET A 64 4.43 -7.33 -5.38
N SER A 65 4.30 -8.48 -4.74
CA SER A 65 3.67 -8.53 -3.43
C SER A 65 4.42 -7.65 -2.44
N ALA A 66 5.74 -7.74 -2.44
CA ALA A 66 6.57 -6.98 -1.50
C ALA A 66 6.51 -5.49 -1.82
N CYS A 67 6.59 -5.16 -3.10
CA CYS A 67 6.56 -3.77 -3.55
C CYS A 67 5.32 -3.04 -3.05
N ARG A 68 4.15 -3.58 -3.36
CA ARG A 68 2.90 -2.94 -2.98
C ARG A 68 2.78 -2.89 -1.46
N GLU A 69 3.18 -3.97 -0.81
CA GLU A 69 3.12 -4.03 0.66
C GLU A 69 3.94 -2.92 1.30
N ILE A 70 5.19 -2.78 0.87
CA ILE A 70 6.07 -1.74 1.38
C ILE A 70 5.48 -0.37 1.03
N ALA A 71 4.95 -0.26 -0.18
CA ALA A 71 4.41 1.01 -0.64
C ALA A 71 3.32 1.51 0.31
N LEU A 72 2.48 0.60 0.77
CA LEU A 72 1.35 0.97 1.61
C LEU A 72 1.79 1.25 3.05
N LEU A 73 2.65 0.38 3.58
CA LEU A 73 3.14 0.56 4.95
C LEU A 73 3.83 1.89 5.11
N ARG A 74 4.49 2.35 4.04
CA ARG A 74 5.19 3.61 4.06
C ARG A 74 4.23 4.77 4.30
N GLU A 75 2.94 4.56 3.98
CA GLU A 75 1.93 5.62 4.03
C GLU A 75 1.03 5.51 5.26
N LEU A 76 0.87 4.29 5.76
CA LEU A 76 -0.08 4.03 6.83
C LEU A 76 0.44 4.46 8.20
N LYS A 77 -0.37 5.24 8.91
CA LYS A 77 0.02 5.80 10.20
C LYS A 77 -1.19 5.91 11.14
N HIS A 78 -1.18 5.04 12.15
CA HIS A 78 -2.26 4.94 13.12
C HIS A 78 -1.71 4.19 14.34
N PRO A 79 -2.14 4.59 15.54
CA PRO A 79 -1.59 3.96 16.75
C PRO A 79 -1.86 2.45 16.85
N ASN A 80 -2.94 1.97 16.24
CA ASN A 80 -3.33 0.55 16.33
C ASN A 80 -2.93 -0.25 15.10
N VAL A 81 -2.08 0.34 14.25
CA VAL A 81 -1.50 -0.38 13.13
C VAL A 81 0.02 -0.30 13.21
N ILE A 82 0.69 -1.44 13.05
CA ILE A 82 2.14 -1.52 13.18
C ILE A 82 2.73 -0.56 12.17
N SER A 83 3.76 0.16 12.59
CA SER A 83 4.38 1.20 11.78
C SER A 83 5.75 0.78 11.26
N LEU A 84 5.99 1.00 9.97
CA LEU A 84 7.30 0.81 9.36
C LEU A 84 8.24 2.01 9.61
N GLN A 85 9.29 1.82 10.41
CA GLN A 85 10.18 2.90 10.80
C GLN A 85 11.24 3.21 9.75
N LYS A 86 11.84 2.17 9.21
CA LYS A 86 12.90 2.30 8.21
C LYS A 86 12.97 1.07 7.33
N VAL A 87 13.39 1.28 6.09
CA VAL A 87 13.74 0.21 5.18
C VAL A 87 15.24 0.24 4.91
N PHE A 88 15.89 -0.92 4.87
CA PHE A 88 17.31 -1.01 4.52
C PHE A 88 17.49 -1.85 3.29
N LEU A 89 18.29 -1.33 2.36
CA LEU A 89 18.55 -2.00 1.11
C LEU A 89 20.00 -2.44 1.07
N SER A 90 20.20 -3.75 1.06
CA SER A 90 21.53 -4.35 1.00
C SER A 90 21.81 -4.63 -0.48
N HIS A 91 22.78 -3.91 -1.04
CA HIS A 91 23.00 -3.89 -2.48
C HIS A 91 23.78 -5.11 -2.95
N ALA A 92 24.64 -5.62 -2.09
CA ALA A 92 25.45 -6.78 -2.41
C ALA A 92 24.55 -7.95 -2.79
N ASP A 93 23.67 -8.33 -1.86
CA ASP A 93 22.77 -9.49 -1.98
C ASP A 93 21.35 -9.12 -2.44
N ARG A 94 21.08 -7.83 -2.65
CA ARG A 94 19.75 -7.36 -3.05
C ARG A 94 18.67 -7.86 -2.10
N LYS A 95 18.97 -7.79 -0.81
CA LYS A 95 18.02 -8.13 0.25
C LYS A 95 17.38 -6.88 0.82
N VAL A 96 16.15 -7.02 1.31
CA VAL A 96 15.40 -5.92 1.89
C VAL A 96 15.09 -6.21 3.36
N TRP A 97 15.39 -5.26 4.21
CA TRP A 97 15.15 -5.36 5.64
C TRP A 97 14.13 -4.32 6.02
N LEU A 98 13.20 -4.70 6.89
CA LEU A 98 12.21 -3.78 7.45
C LEU A 98 12.40 -3.64 8.95
N LEU A 99 12.28 -2.41 9.46
CA LEU A 99 12.49 -2.14 10.87
C LEU A 99 11.18 -1.67 11.49
N PHE A 100 10.81 -2.29 12.62
CA PHE A 100 9.64 -1.89 13.37
C PHE A 100 9.98 -1.78 14.85
N ASP A 101 9.18 -1.01 15.59
CA ASP A 101 9.25 -1.03 17.05
C ASP A 101 8.78 -2.39 17.53
N TYR A 102 9.42 -2.91 18.56
CA TYR A 102 9.26 -4.30 18.93
C TYR A 102 8.02 -4.52 19.79
N ALA A 103 7.21 -5.53 19.44
CA ALA A 103 6.04 -5.90 20.24
C ALA A 103 6.27 -7.23 20.96
N GLU A 104 6.27 -7.19 22.29
CA GLU A 104 6.59 -8.37 23.11
C GLU A 104 5.53 -9.46 23.05
N HIS A 105 4.27 -9.06 22.94
CA HIS A 105 3.16 -10.02 23.03
C HIS A 105 2.26 -10.09 21.81
N ASP A 106 1.36 -11.07 21.81
CA ASP A 106 0.32 -11.19 20.79
C ASP A 106 -0.85 -12.00 21.33
N LEU A 107 -1.98 -11.94 20.64
CA LEU A 107 -3.20 -12.52 21.18
C LEU A 107 -3.19 -14.02 21.13
N TRP A 108 -2.43 -14.59 20.20
CA TRP A 108 -2.31 -16.03 20.11
C TRP A 108 -1.74 -16.59 21.43
N HIS A 109 -0.64 -15.99 21.88
CA HIS A 109 0.03 -16.46 23.09
C HIS A 109 -0.74 -16.07 24.34
N ILE A 110 -1.38 -14.91 24.30
CA ILE A 110 -2.20 -14.46 25.42
C ILE A 110 -3.43 -15.34 25.60
N ILE A 111 -4.01 -15.81 24.51
CA ILE A 111 -5.17 -16.69 24.57
C ILE A 111 -4.73 -18.08 25.00
N LYS A 112 -3.62 -18.56 24.46
CA LYS A 112 -3.10 -19.86 24.86
C LYS A 112 -2.92 -19.93 26.38
N PHE A 113 -2.39 -18.84 26.96
CA PHE A 113 -2.13 -18.73 28.40
C PHE A 113 -3.40 -18.94 29.25
N HIS A 114 -4.53 -18.41 28.81
CA HIS A 114 -5.77 -18.48 29.57
C HIS A 114 -6.56 -19.75 29.29
N ARG A 115 -6.30 -20.37 28.15
CA ARG A 115 -6.96 -21.62 27.79
C ARG A 115 -6.33 -22.76 28.60
N ALA A 116 -5.06 -22.60 28.95
CA ALA A 116 -4.35 -23.58 29.77
C ALA A 116 -4.72 -23.39 31.23
N SER A 117 -5.65 -24.21 31.72
CA SER A 117 -6.15 -24.14 33.08
C SER A 117 -6.69 -22.74 33.41
N VAL A 124 -8.15 -19.41 34.97
CA VAL A 124 -8.19 -17.96 34.82
C VAL A 124 -8.61 -17.52 33.40
N GLN A 125 -9.81 -16.97 33.27
CA GLN A 125 -10.27 -16.43 31.99
C GLN A 125 -9.75 -15.01 31.76
N LEU A 126 -9.77 -14.57 30.50
CA LEU A 126 -9.40 -13.22 30.19
C LEU A 126 -10.30 -12.25 30.95
N PRO A 127 -9.71 -11.29 31.70
CA PRO A 127 -10.53 -10.23 32.34
C PRO A 127 -11.40 -9.49 31.33
N ARG A 128 -12.64 -9.19 31.74
CA ARG A 128 -13.63 -8.60 30.86
C ARG A 128 -13.28 -7.20 30.37
N GLY A 129 -12.55 -6.44 31.20
CA GLY A 129 -12.10 -5.11 30.79
C GLY A 129 -11.08 -5.22 29.66
N MET A 130 -10.20 -6.19 29.78
CA MET A 130 -9.16 -6.40 28.77
C MET A 130 -9.82 -6.77 27.43
N VAL A 131 -10.74 -7.72 27.46
CA VAL A 131 -11.44 -8.17 26.26
C VAL A 131 -12.05 -6.99 25.52
N LYS A 132 -12.82 -6.19 26.23
CA LYS A 132 -13.38 -4.98 25.65
C LYS A 132 -12.30 -4.09 25.02
N SER A 133 -11.28 -3.76 25.81
CA SER A 133 -10.22 -2.87 25.34
C SER A 133 -9.49 -3.39 24.11
N LEU A 134 -9.22 -4.69 24.07
CA LEU A 134 -8.62 -5.31 22.90
C LEU A 134 -9.51 -5.15 21.67
N LEU A 135 -10.79 -5.53 21.80
CA LEU A 135 -11.70 -5.44 20.67
C LEU A 135 -11.76 -4.00 20.13
N TYR A 136 -11.78 -3.02 21.03
CA TYR A 136 -11.94 -1.63 20.59
C TYR A 136 -10.79 -1.17 19.71
N GLN A 137 -9.58 -1.55 20.09
CA GLN A 137 -8.38 -1.11 19.39
C GLN A 137 -8.22 -1.86 18.08
N ILE A 138 -8.59 -3.13 18.07
CA ILE A 138 -8.65 -3.86 16.83
C ILE A 138 -9.62 -3.19 15.87
N LEU A 139 -10.80 -2.82 16.36
CA LEU A 139 -11.76 -2.17 15.49
C LEU A 139 -11.25 -0.80 15.02
N ASP A 140 -10.61 -0.05 15.93
CA ASP A 140 -10.09 1.25 15.57
C ASP A 140 -9.05 1.07 14.44
N GLY A 141 -8.10 0.16 14.66
CA GLY A 141 -7.12 -0.16 13.66
C GLY A 141 -7.67 -0.56 12.30
N ILE A 142 -8.64 -1.48 12.28
CA ILE A 142 -9.19 -1.94 11.01
C ILE A 142 -10.04 -0.87 10.34
N HIS A 143 -10.74 -0.06 11.13
CA HIS A 143 -11.48 1.05 10.58
C HIS A 143 -10.55 2.01 9.83
N TYR A 144 -9.37 2.25 10.40
CA TYR A 144 -8.41 3.13 9.73
C TYR A 144 -7.97 2.56 8.39
N LEU A 145 -7.70 1.25 8.35
CA LEU A 145 -7.31 0.61 7.09
C LEU A 145 -8.46 0.65 6.11
N HIS A 146 -9.63 0.29 6.60
CA HIS A 146 -10.79 0.17 5.75
C HIS A 146 -11.13 1.51 5.13
N ALA A 147 -10.94 2.58 5.90
CA ALA A 147 -11.29 3.90 5.40
C ALA A 147 -10.30 4.36 4.33
N ASN A 148 -9.13 3.73 4.29
CA ASN A 148 -8.17 3.97 3.22
C ASN A 148 -8.24 2.89 2.16
N TRP A 149 -9.34 2.14 2.17
CA TRP A 149 -9.57 1.08 1.20
C TRP A 149 -8.45 0.04 1.20
N VAL A 150 -7.91 -0.23 2.39
CA VAL A 150 -6.93 -1.31 2.55
C VAL A 150 -7.58 -2.44 3.34
N LEU A 151 -7.51 -3.64 2.78
CA LEU A 151 -8.07 -4.82 3.42
C LEU A 151 -6.96 -5.66 4.02
N HIS A 152 -7.26 -6.38 5.10
CA HIS A 152 -6.24 -7.20 5.75
C HIS A 152 -6.14 -8.58 5.11
N ARG A 153 -7.26 -9.30 5.08
CA ARG A 153 -7.40 -10.60 4.38
C ARG A 153 -6.89 -11.81 5.16
N ASP A 154 -6.32 -11.61 6.34
CA ASP A 154 -5.88 -12.75 7.15
C ASP A 154 -5.87 -12.44 8.64
N LEU A 155 -6.94 -11.82 9.12
CA LEU A 155 -6.99 -11.46 10.53
C LEU A 155 -7.10 -12.73 11.36
N LYS A 156 -6.43 -12.73 12.50
CA LYS A 156 -6.46 -13.84 13.45
C LYS A 156 -5.56 -13.45 14.61
N PRO A 157 -5.69 -14.15 15.75
CA PRO A 157 -4.99 -13.72 16.97
C PRO A 157 -3.47 -13.55 16.81
N ALA A 158 -2.83 -14.38 15.99
CA ALA A 158 -1.37 -14.30 15.82
C ALA A 158 -0.94 -13.00 15.14
N ASN A 159 -1.85 -12.39 14.37
CA ASN A 159 -1.55 -11.15 13.66
C ASN A 159 -2.00 -9.93 14.44
N ILE A 160 -2.38 -10.17 15.70
CA ILE A 160 -2.75 -9.08 16.60
C ILE A 160 -1.68 -8.97 17.68
N LEU A 161 -0.79 -8.00 17.51
CA LEU A 161 0.31 -7.80 18.43
C LEU A 161 -0.15 -6.90 19.57
N VAL A 162 0.51 -7.03 20.71
CA VAL A 162 0.27 -6.17 21.86
C VAL A 162 1.61 -5.71 22.43
N MET A 163 1.76 -4.40 22.65
CA MET A 163 3.01 -3.82 23.11
C MET A 163 3.26 -4.10 24.59
N GLY A 164 4.52 -4.31 24.95
CA GLY A 164 4.89 -4.55 26.33
C GLY A 164 5.30 -3.28 27.04
N GLU A 165 6.07 -3.43 28.11
CA GLU A 165 6.52 -2.30 28.90
C GLU A 165 7.21 -1.25 28.04
N GLY A 166 6.81 -0.01 28.23
CA GLY A 166 7.34 1.11 27.47
C GLY A 166 6.26 2.16 27.34
N PRO A 167 6.53 3.19 26.53
CA PRO A 167 5.56 4.29 26.44
C PRO A 167 4.28 3.91 25.69
N GLU A 168 4.20 2.67 25.20
CA GLU A 168 3.01 2.18 24.50
C GLU A 168 2.46 0.94 25.22
N ARG A 169 2.73 0.86 26.51
CA ARG A 169 2.30 -0.25 27.33
C ARG A 169 0.83 -0.62 27.07
N GLY A 170 0.61 -1.86 26.62
CA GLY A 170 -0.73 -2.41 26.46
C GLY A 170 -1.50 -1.95 25.21
N ARG A 171 -0.79 -1.39 24.23
CA ARG A 171 -1.44 -0.93 23.01
C ARG A 171 -1.44 -2.00 21.94
N VAL A 172 -2.60 -2.21 21.31
CA VAL A 172 -2.72 -3.12 20.19
C VAL A 172 -2.05 -2.59 18.92
N LYS A 173 -1.37 -3.48 18.21
CA LYS A 173 -0.85 -3.19 16.87
C LYS A 173 -1.30 -4.30 15.91
N ILE A 174 -2.15 -3.98 14.96
CA ILE A 174 -2.53 -4.92 13.92
C ILE A 174 -1.28 -5.13 13.08
N ALA A 175 -1.05 -6.37 12.65
CA ALA A 175 0.14 -6.70 11.85
C ALA A 175 -0.16 -7.82 10.86
N ASP A 176 0.83 -8.12 10.02
CA ASP A 176 0.81 -9.32 9.18
C ASP A 176 2.17 -10.02 9.35
N MET A 177 2.16 -11.12 10.11
CA MET A 177 3.40 -11.82 10.46
C MET A 177 3.94 -12.74 9.37
N GLY A 178 3.36 -12.66 8.18
CA GLY A 178 3.94 -13.33 7.03
C GLY A 178 3.53 -14.79 6.93
N PHE A 179 2.35 -15.11 7.42
CA PHE A 179 1.79 -16.44 7.21
C PHE A 179 1.35 -16.56 5.75
N ALA A 180 1.46 -17.77 5.22
CA ALA A 180 1.06 -18.01 3.85
C ALA A 180 -0.45 -17.79 3.72
N ARG A 181 -0.88 -17.48 2.49
CA ARG A 181 -2.28 -17.19 2.21
C ARG A 181 -2.83 -18.14 1.15
N LEU A 182 -4.15 -18.15 1.01
CA LEU A 182 -4.85 -19.00 0.06
C LEU A 182 -5.79 -18.19 -0.82
N PRO A 195 -0.90 -25.82 -2.35
CA PRO A 195 -0.38 -26.60 -1.22
C PRO A 195 0.27 -25.70 -0.17
N VAL A 196 -0.56 -25.17 0.74
CA VAL A 196 -0.14 -24.14 1.69
C VAL A 196 -0.72 -24.43 3.09
N VAL A 197 0.06 -24.15 4.13
CA VAL A 197 -0.39 -24.35 5.52
C VAL A 197 -1.14 -23.13 6.03
N VAL A 198 -2.31 -23.37 6.64
CA VAL A 198 -3.19 -22.29 7.04
C VAL A 198 -4.35 -22.79 7.91
N THR A 199 -5.08 -21.86 8.53
CA THR A 199 -6.29 -22.17 9.28
C THR A 199 -7.53 -21.50 8.68
N PHE A 200 -8.64 -22.23 8.64
CA PHE A 200 -9.90 -21.75 8.08
C PHE A 200 -10.85 -21.24 9.16
N TRP A 201 -10.40 -21.31 10.41
CA TRP A 201 -11.22 -20.97 11.57
C TRP A 201 -11.80 -19.56 11.59
N TYR A 202 -11.11 -18.60 10.96
CA TYR A 202 -11.49 -17.18 11.02
C TYR A 202 -12.04 -16.76 9.65
N ARG A 203 -12.24 -17.73 8.79
CA ARG A 203 -12.65 -17.48 7.42
C ARG A 203 -14.18 -17.44 7.23
N ALA A 204 -14.67 -16.35 6.69
CA ALA A 204 -16.11 -16.15 6.52
C ALA A 204 -16.79 -17.14 5.55
N PRO A 205 -18.06 -17.45 5.82
CA PRO A 205 -18.77 -18.46 5.04
C PRO A 205 -18.77 -18.16 3.54
N GLU A 206 -18.86 -16.88 3.15
CA GLU A 206 -18.87 -16.55 1.71
C GLU A 206 -17.59 -17.02 1.01
N LEU A 207 -16.46 -16.95 1.72
CA LEU A 207 -15.17 -17.44 1.18
C LEU A 207 -15.17 -18.96 1.04
N LEU A 208 -15.72 -19.65 2.04
CA LEU A 208 -15.83 -21.09 2.01
C LEU A 208 -16.80 -21.53 0.94
N LEU A 209 -17.68 -20.62 0.51
CA LEU A 209 -18.61 -20.93 -0.59
C LEU A 209 -18.14 -20.38 -1.96
N GLY A 210 -16.89 -19.92 -2.02
CA GLY A 210 -16.25 -19.66 -3.30
C GLY A 210 -16.24 -18.23 -3.80
N ALA A 211 -16.44 -17.27 -2.90
CA ALA A 211 -16.32 -15.85 -3.25
C ALA A 211 -14.91 -15.56 -3.75
N ARG A 212 -14.81 -14.80 -4.83
CA ARG A 212 -13.54 -14.58 -5.49
C ARG A 212 -12.83 -13.31 -5.03
N HIS A 213 -13.56 -12.42 -4.35
CA HIS A 213 -13.02 -11.13 -3.90
C HIS A 213 -13.11 -10.92 -2.40
N TYR A 214 -12.02 -10.40 -1.82
CA TYR A 214 -11.97 -10.05 -0.42
C TYR A 214 -12.71 -8.73 -0.21
N THR A 215 -13.29 -8.55 0.96
CA THR A 215 -14.13 -7.39 1.24
C THR A 215 -13.89 -6.93 2.65
N LYS A 216 -14.46 -5.79 2.99
CA LYS A 216 -14.37 -5.31 4.35
C LYS A 216 -15.11 -6.25 5.28
N ALA A 217 -16.26 -6.74 4.83
CA ALA A 217 -17.10 -7.60 5.65
C ALA A 217 -16.37 -8.87 6.09
N ILE A 218 -15.51 -9.37 5.21
CA ILE A 218 -14.72 -10.56 5.52
C ILE A 218 -13.78 -10.28 6.70
N ASP A 219 -13.14 -9.11 6.74
CA ASP A 219 -12.31 -8.75 7.88
C ASP A 219 -13.17 -8.71 9.13
N ILE A 220 -14.39 -8.20 8.98
CA ILE A 220 -15.24 -8.02 10.15
C ILE A 220 -15.68 -9.35 10.76
N TRP A 221 -15.96 -10.32 9.91
CA TRP A 221 -16.25 -11.70 10.37
C TRP A 221 -15.11 -12.20 11.27
N ALA A 222 -13.88 -12.07 10.77
CA ALA A 222 -12.72 -12.60 11.51
C ALA A 222 -12.61 -11.93 12.87
N ILE A 223 -12.90 -10.65 12.92
CA ILE A 223 -12.90 -9.91 14.19
C ILE A 223 -14.00 -10.48 15.09
N GLY A 224 -15.16 -10.81 14.53
CA GLY A 224 -16.20 -11.44 15.33
C GLY A 224 -15.72 -12.75 15.92
N CYS A 225 -14.97 -13.51 15.13
CA CYS A 225 -14.45 -14.78 15.61
C CYS A 225 -13.47 -14.54 16.76
N ILE A 226 -12.64 -13.52 16.63
CA ILE A 226 -11.62 -13.25 17.63
C ILE A 226 -12.28 -12.83 18.93
N PHE A 227 -13.35 -12.05 18.81
CA PHE A 227 -14.10 -11.57 19.97
C PHE A 227 -14.63 -12.75 20.77
N ALA A 228 -15.26 -13.69 20.07
CA ALA A 228 -15.85 -14.83 20.72
C ALA A 228 -14.76 -15.59 21.45
N GLU A 229 -13.59 -15.67 20.82
CA GLU A 229 -12.47 -16.42 21.35
C GLU A 229 -11.91 -15.73 22.61
N LEU A 230 -11.90 -14.41 22.62
CA LEU A 230 -11.50 -13.67 23.81
C LEU A 230 -12.49 -13.88 24.96
N LEU A 231 -13.77 -14.10 24.64
CA LEU A 231 -14.81 -14.26 25.64
C LEU A 231 -14.86 -15.64 26.28
N THR A 232 -14.57 -16.67 25.48
CA THR A 232 -14.70 -18.07 25.92
C THR A 232 -13.36 -18.75 26.08
N SER A 233 -12.33 -18.20 25.43
CA SER A 233 -10.95 -18.74 25.43
C SER A 233 -10.77 -19.88 24.44
N GLU A 234 -11.82 -20.22 23.69
CA GLU A 234 -11.71 -21.23 22.64
C GLU A 234 -12.17 -20.70 21.27
N PRO A 235 -11.54 -21.17 20.18
CA PRO A 235 -11.94 -20.72 18.85
C PRO A 235 -13.37 -21.16 18.58
N ILE A 236 -14.23 -20.24 18.20
CA ILE A 236 -15.63 -20.54 18.09
C ILE A 236 -15.93 -21.53 16.96
N PHE A 237 -15.17 -21.49 15.87
CA PHE A 237 -15.36 -22.43 14.78
C PHE A 237 -14.14 -23.36 14.59
N HIS A 238 -13.65 -23.91 15.70
N HIS A 238 -13.63 -23.92 15.69
CA HIS A 238 -12.54 -24.87 15.67
CA HIS A 238 -12.49 -24.83 15.60
C HIS A 238 -12.94 -26.10 14.86
C HIS A 238 -12.91 -26.11 14.88
N CYS A 239 -11.99 -26.64 14.10
CA CYS A 239 -12.27 -27.76 13.21
C CYS A 239 -10.93 -28.45 12.92
N ARG A 240 -10.93 -29.78 12.88
CA ARG A 240 -9.72 -30.56 12.65
C ARG A 240 -9.08 -30.32 11.27
N LYS A 245 -2.43 -27.66 5.46
CA LYS A 245 -1.91 -27.98 4.13
C LYS A 245 -3.04 -28.34 3.15
N THR A 246 -3.39 -27.39 2.28
CA THR A 246 -4.48 -27.58 1.34
C THR A 246 -4.36 -26.64 0.15
N SER A 247 -5.25 -26.82 -0.82
CA SER A 247 -5.20 -26.13 -2.11
C SER A 247 -6.52 -25.40 -2.43
N ASN A 248 -7.64 -26.04 -2.14
CA ASN A 248 -8.96 -25.51 -2.55
C ASN A 248 -9.66 -24.73 -1.44
N PRO A 249 -10.64 -23.88 -1.81
CA PRO A 249 -11.25 -22.96 -0.83
C PRO A 249 -12.42 -23.60 -0.08
N TYR A 250 -13.20 -24.41 -0.79
CA TYR A 250 -14.35 -25.08 -0.21
C TYR A 250 -13.89 -26.06 0.86
N HIS A 251 -14.50 -25.97 2.03
CA HIS A 251 -14.19 -26.90 3.10
C HIS A 251 -15.49 -27.30 3.80
N HIS A 252 -15.91 -28.52 3.53
CA HIS A 252 -17.12 -29.07 4.09
C HIS A 252 -17.12 -29.01 5.61
N ASP A 253 -16.05 -29.51 6.23
CA ASP A 253 -16.03 -29.64 7.69
C ASP A 253 -16.08 -28.30 8.41
N GLN A 254 -15.48 -27.29 7.80
CA GLN A 254 -15.45 -25.96 8.40
C GLN A 254 -16.86 -25.36 8.33
N LEU A 255 -17.53 -25.53 7.19
CA LEU A 255 -18.92 -25.12 7.05
C LEU A 255 -19.80 -25.87 8.04
N ASP A 256 -19.55 -27.16 8.19
CA ASP A 256 -20.32 -27.95 9.14
C ASP A 256 -20.19 -27.36 10.55
N ARG A 257 -18.99 -26.93 10.91
CA ARG A 257 -18.76 -26.40 12.27
C ARG A 257 -19.49 -25.06 12.45
N ILE A 258 -19.48 -24.25 11.40
CA ILE A 258 -20.18 -22.97 11.44
C ILE A 258 -21.68 -23.18 11.61
N PHE A 259 -22.25 -24.11 10.86
CA PHE A 259 -23.68 -24.42 11.01
C PHE A 259 -23.99 -25.02 12.41
N ASN A 260 -23.12 -25.88 12.93
CA ASN A 260 -23.34 -26.44 14.27
C ASN A 260 -23.44 -25.34 15.33
N VAL A 261 -22.67 -24.28 15.13
CA VAL A 261 -22.72 -23.13 16.03
C VAL A 261 -23.88 -22.20 15.65
N MET A 262 -23.88 -21.70 14.42
CA MET A 262 -24.80 -20.63 14.05
C MET A 262 -26.20 -21.11 13.74
N GLY A 263 -26.31 -22.37 13.36
CA GLY A 263 -27.51 -22.88 12.72
C GLY A 263 -27.37 -22.72 11.20
N PHE A 264 -28.21 -23.40 10.45
CA PHE A 264 -28.20 -23.29 8.99
C PHE A 264 -29.03 -22.06 8.61
N PRO A 265 -28.51 -21.21 7.72
CA PRO A 265 -29.21 -19.95 7.41
C PRO A 265 -30.47 -20.11 6.56
N ALA A 266 -31.56 -19.48 6.98
CA ALA A 266 -32.78 -19.45 6.18
C ALA A 266 -32.59 -18.57 4.95
N ASP A 267 -33.39 -18.81 3.92
CA ASP A 267 -33.33 -17.98 2.71
C ASP A 267 -33.41 -16.50 3.08
N LYS A 268 -34.36 -16.15 3.95
CA LYS A 268 -34.62 -14.75 4.31
C LYS A 268 -33.41 -14.08 4.98
N ASP A 269 -32.60 -14.89 5.64
CA ASP A 269 -31.42 -14.41 6.35
C ASP A 269 -30.29 -14.15 5.38
N TRP A 270 -30.28 -14.84 4.22
CA TRP A 270 -29.21 -14.67 3.25
C TRP A 270 -29.64 -15.03 1.83
N GLU A 271 -30.29 -14.09 1.17
CA GLU A 271 -30.92 -14.40 -0.11
C GLU A 271 -29.90 -14.67 -1.22
N ASP A 272 -28.82 -13.89 -1.24
CA ASP A 272 -27.85 -14.01 -2.31
C ASP A 272 -26.98 -15.25 -2.16
N ILE A 273 -27.30 -16.11 -1.20
CA ILE A 273 -26.53 -17.32 -1.00
C ILE A 273 -26.58 -18.18 -2.27
N LYS A 274 -27.69 -18.08 -2.99
CA LYS A 274 -27.88 -18.79 -4.24
C LYS A 274 -26.83 -18.41 -5.28
N LYS A 275 -26.32 -17.18 -5.16
CA LYS A 275 -25.35 -16.63 -6.10
C LYS A 275 -23.91 -17.03 -5.78
N MET A 276 -23.70 -17.75 -4.69
CA MET A 276 -22.36 -18.23 -4.37
C MET A 276 -22.03 -19.41 -5.28
N PRO A 277 -20.83 -19.42 -5.88
CA PRO A 277 -20.46 -20.47 -6.84
C PRO A 277 -20.56 -21.91 -6.31
N GLU A 278 -20.43 -22.11 -5.00
CA GLU A 278 -20.49 -23.45 -4.43
C GLU A 278 -21.85 -23.75 -3.79
N HIS A 279 -22.85 -22.94 -4.11
CA HIS A 279 -24.17 -23.12 -3.51
C HIS A 279 -24.73 -24.51 -3.78
N SER A 280 -24.67 -24.97 -5.03
CA SER A 280 -25.24 -26.28 -5.37
C SER A 280 -24.54 -27.40 -4.61
N THR A 281 -23.23 -27.27 -4.44
CA THR A 281 -22.47 -28.21 -3.64
C THR A 281 -23.03 -28.23 -2.22
N LEU A 282 -23.32 -27.03 -1.69
CA LEU A 282 -23.86 -26.90 -0.35
C LEU A 282 -25.18 -27.68 -0.25
N MET A 283 -26.04 -27.51 -1.24
CA MET A 283 -27.33 -28.16 -1.23
C MET A 283 -27.15 -29.68 -1.32
N LYS A 284 -26.20 -30.10 -2.14
CA LYS A 284 -25.92 -31.53 -2.29
C LYS A 284 -25.49 -32.20 -0.96
N ASP A 285 -24.60 -31.54 -0.21
CA ASP A 285 -23.97 -32.13 0.97
C ASP A 285 -24.65 -31.84 2.32
N PHE A 286 -25.51 -30.82 2.38
CA PHE A 286 -26.12 -30.36 3.65
C PHE A 286 -27.65 -30.30 3.64
N ARG A 287 -28.26 -30.78 4.72
CA ARG A 287 -29.70 -30.62 4.96
C ARG A 287 -29.87 -29.75 6.20
N ARG A 288 -30.71 -28.73 6.11
CA ARG A 288 -30.84 -27.79 7.21
C ARG A 288 -31.39 -28.45 8.47
N ASN A 289 -32.10 -29.56 8.29
CA ASN A 289 -32.74 -30.28 9.39
C ASN A 289 -31.71 -30.80 10.38
N THR A 290 -30.52 -31.04 9.87
CA THR A 290 -29.42 -31.50 10.71
C THR A 290 -29.11 -30.47 11.79
N TYR A 291 -29.37 -29.19 11.51
CA TYR A 291 -28.93 -28.12 12.41
C TYR A 291 -30.09 -27.43 13.13
N THR A 292 -31.25 -28.07 13.19
CA THR A 292 -32.47 -27.43 13.69
C THR A 292 -32.35 -26.96 15.16
N ASN A 293 -31.59 -27.68 15.98
CA ASN A 293 -31.44 -27.29 17.38
C ASN A 293 -30.28 -26.30 17.63
N CYS A 294 -29.61 -25.85 16.57
CA CYS A 294 -28.38 -25.07 16.71
C CYS A 294 -28.58 -23.55 16.63
N SER A 295 -27.76 -22.80 17.37
CA SER A 295 -27.78 -21.33 17.32
C SER A 295 -26.65 -20.74 18.16
N LEU A 296 -26.32 -19.48 17.88
CA LEU A 296 -25.23 -18.79 18.56
C LEU A 296 -25.56 -18.58 20.04
N ILE A 297 -26.83 -18.28 20.33
CA ILE A 297 -27.32 -18.11 21.70
C ILE A 297 -26.98 -19.32 22.54
N LYS A 298 -27.39 -20.49 22.06
CA LYS A 298 -27.18 -21.74 22.78
C LYS A 298 -25.69 -22.02 22.93
N TYR A 299 -24.93 -21.76 21.87
CA TYR A 299 -23.49 -21.97 21.93
C TYR A 299 -22.82 -21.09 23.00
N MET A 300 -23.18 -19.82 23.07
CA MET A 300 -22.55 -18.90 24.05
C MET A 300 -23.02 -19.11 25.48
N GLU A 301 -24.28 -19.52 25.68
CA GLU A 301 -24.77 -19.87 27.01
C GLU A 301 -23.93 -20.99 27.62
N LYS A 302 -23.70 -22.03 26.83
CA LYS A 302 -22.86 -23.14 27.26
C LYS A 302 -21.52 -22.62 27.76
N HIS A 303 -21.06 -21.48 27.25
CA HIS A 303 -19.76 -20.94 27.62
C HIS A 303 -19.89 -19.77 28.61
N LYS A 304 -21.03 -19.74 29.30
CA LYS A 304 -21.27 -18.79 30.38
C LYS A 304 -21.18 -17.32 29.93
N VAL A 305 -21.69 -17.06 28.72
CA VAL A 305 -21.94 -15.70 28.24
C VAL A 305 -23.45 -15.52 28.06
N LYS A 306 -24.04 -14.54 28.74
CA LYS A 306 -25.49 -14.38 28.74
C LYS A 306 -26.00 -13.70 27.48
N PRO A 307 -27.06 -14.25 26.87
CA PRO A 307 -27.57 -13.76 25.57
C PRO A 307 -28.24 -12.39 25.63
N ASP A 308 -28.44 -11.86 26.82
CA ASP A 308 -29.02 -10.53 26.98
C ASP A 308 -27.92 -9.50 27.28
N SER A 309 -26.65 -9.93 27.35
CA SER A 309 -25.54 -9.01 27.59
C SER A 309 -25.24 -8.17 26.35
N LYS A 310 -24.73 -6.96 26.55
CA LYS A 310 -24.42 -6.07 25.43
C LYS A 310 -23.33 -6.67 24.56
N ALA A 311 -22.40 -7.37 25.20
CA ALA A 311 -21.35 -8.11 24.50
C ALA A 311 -21.96 -9.08 23.50
N PHE A 312 -22.95 -9.87 23.93
CA PHE A 312 -23.52 -10.90 23.07
C PHE A 312 -24.14 -10.28 21.81
N HIS A 313 -24.90 -9.21 22.00
CA HIS A 313 -25.61 -8.59 20.90
C HIS A 313 -24.67 -7.98 19.87
N LEU A 314 -23.55 -7.44 20.35
CA LEU A 314 -22.52 -6.95 19.45
C LEU A 314 -21.90 -8.12 18.70
N LEU A 315 -21.60 -9.21 19.42
CA LEU A 315 -21.00 -10.38 18.77
C LEU A 315 -21.85 -10.90 17.61
N GLN A 316 -23.16 -11.00 17.86
CA GLN A 316 -24.11 -11.50 16.89
C GLN A 316 -24.08 -10.66 15.63
N LYS A 317 -23.97 -9.35 15.80
CA LYS A 317 -23.93 -8.45 14.66
C LYS A 317 -22.67 -8.60 13.83
N LEU A 318 -21.56 -8.90 14.48
CA LEU A 318 -20.29 -9.10 13.77
C LEU A 318 -20.34 -10.45 13.04
N LEU A 319 -20.89 -11.47 13.70
CA LEU A 319 -20.97 -12.82 13.15
C LEU A 319 -22.34 -13.03 12.51
N THR A 320 -22.62 -12.22 11.50
CA THR A 320 -23.83 -12.33 10.70
C THR A 320 -23.45 -13.03 9.40
N MET A 321 -24.27 -13.99 8.99
CA MET A 321 -23.87 -14.91 7.93
C MET A 321 -23.83 -14.21 6.59
N ASP A 322 -24.83 -13.37 6.32
CA ASP A 322 -24.92 -12.59 5.08
C ASP A 322 -24.01 -11.37 5.21
N PRO A 323 -22.94 -11.29 4.38
CA PRO A 323 -21.98 -10.19 4.53
C PRO A 323 -22.60 -8.79 4.45
N ILE A 324 -23.64 -8.58 3.63
CA ILE A 324 -24.24 -7.25 3.56
C ILE A 324 -25.03 -6.91 4.83
N LYS A 325 -25.36 -7.92 5.63
CA LYS A 325 -26.02 -7.68 6.92
C LYS A 325 -25.07 -7.61 8.13
N ARG A 326 -23.77 -7.72 7.90
CA ARG A 326 -22.79 -7.53 8.96
C ARG A 326 -22.53 -6.06 9.17
N ILE A 327 -22.50 -5.60 10.40
CA ILE A 327 -22.15 -4.20 10.61
C ILE A 327 -20.67 -3.88 10.29
N THR A 328 -20.39 -2.59 10.09
CA THR A 328 -19.05 -2.10 9.82
C THR A 328 -18.29 -1.83 11.11
N SER A 329 -16.97 -1.61 10.98
CA SER A 329 -16.10 -1.27 12.11
C SER A 329 -16.58 0.00 12.85
N GLU A 330 -16.85 1.06 12.09
CA GLU A 330 -17.27 2.33 12.68
C GLU A 330 -18.55 2.16 13.52
N GLN A 331 -19.53 1.45 12.97
CA GLN A 331 -20.77 1.17 13.70
C GLN A 331 -20.53 0.34 14.96
N ALA A 332 -19.60 -0.61 14.88
CA ALA A 332 -19.27 -1.44 16.03
C ALA A 332 -18.60 -0.59 17.10
N MET A 333 -17.78 0.36 16.67
CA MET A 333 -17.10 1.23 17.63
C MET A 333 -18.09 2.09 18.40
N GLN A 334 -19.23 2.40 17.78
N GLN A 334 -19.23 2.41 17.77
CA GLN A 334 -20.26 3.21 18.42
CA GLN A 334 -20.26 3.21 18.41
C GLN A 334 -21.24 2.36 19.23
C GLN A 334 -21.23 2.37 19.24
N ASP A 335 -21.01 1.05 19.30
CA ASP A 335 -21.90 0.17 20.07
C ASP A 335 -21.95 0.55 21.56
N PRO A 336 -23.14 0.47 22.21
CA PRO A 336 -23.26 0.84 23.62
C PRO A 336 -22.46 -0.05 24.56
N TYR A 337 -21.98 -1.17 24.03
CA TYR A 337 -21.09 -2.07 24.77
C TYR A 337 -19.89 -1.30 25.32
N PHE A 338 -19.30 -0.45 24.48
CA PHE A 338 -18.12 0.31 24.85
C PHE A 338 -18.45 1.51 25.75
N LEU A 339 -19.74 1.73 26.01
CA LEU A 339 -20.19 2.79 26.92
C LEU A 339 -20.57 2.20 28.27
N GLU A 340 -20.83 0.90 28.27
CA GLU A 340 -21.22 0.17 29.47
C GLU A 340 -19.98 -0.02 30.34
N ASP A 341 -20.14 0.00 31.66
CA ASP A 341 -19.00 -0.24 32.55
C ASP A 341 -18.48 -1.67 32.35
N PRO A 342 -17.15 -1.86 32.31
CA PRO A 342 -16.07 -0.87 32.36
C PRO A 342 -15.75 -0.29 30.99
N LEU A 343 -15.29 0.95 30.95
CA LEU A 343 -14.89 1.55 29.70
C LEU A 343 -13.58 0.92 29.24
N PRO A 344 -13.38 0.83 27.92
CA PRO A 344 -12.08 0.36 27.42
C PRO A 344 -10.95 1.32 27.80
N THR A 345 -9.72 0.78 27.90
CA THR A 345 -8.56 1.56 28.29
C THR A 345 -7.48 1.50 27.20
N SER A 346 -6.65 2.54 27.14
CA SER A 346 -5.54 2.62 26.19
C SER A 346 -4.52 1.51 26.42
N ASP A 347 -4.20 1.30 27.70
CA ASP A 347 -3.36 0.19 28.15
C ASP A 347 -4.31 -0.96 28.46
N VAL A 348 -4.30 -1.94 27.58
CA VAL A 348 -5.20 -3.09 27.66
C VAL A 348 -5.02 -3.87 28.97
N PHE A 349 -3.86 -3.71 29.61
CA PHE A 349 -3.57 -4.39 30.87
C PHE A 349 -4.09 -3.60 32.07
N ALA A 350 -4.50 -2.36 31.84
CA ALA A 350 -5.14 -1.57 32.89
C ALA A 350 -4.21 -1.31 34.09
N GLY A 351 -2.92 -1.09 33.84
CA GLY A 351 -1.97 -0.78 34.91
C GLY A 351 -1.52 -1.99 35.72
N CYS A 352 -2.18 -3.12 35.50
CA CYS A 352 -1.90 -4.36 36.23
C CYS A 352 -0.64 -5.00 35.70
N GLN A 353 0.00 -5.85 36.51
CA GLN A 353 1.20 -6.55 36.10
C GLN A 353 0.89 -7.53 34.96
N ILE A 354 1.86 -7.71 34.07
CA ILE A 354 1.70 -8.53 32.88
C ILE A 354 2.21 -9.96 33.13
N PRO A 355 1.30 -10.92 33.29
CA PRO A 355 1.75 -12.28 33.62
C PRO A 355 2.26 -13.05 32.42
N TYR A 356 2.08 -12.51 31.22
CA TYR A 356 2.41 -13.29 30.03
C TYR A 356 3.91 -13.28 29.79
N PRO A 357 4.48 -14.44 29.46
CA PRO A 357 5.92 -14.53 29.22
C PRO A 357 6.34 -13.89 27.89
N LYS A 358 7.63 -13.54 27.79
CA LYS A 358 8.20 -12.87 26.64
C LYS A 358 8.54 -13.90 25.57
N ARG A 359 8.92 -13.44 24.39
CA ARG A 359 9.22 -14.33 23.28
C ARG A 359 10.49 -15.11 23.51
N GLU A 360 10.52 -16.32 22.97
CA GLU A 360 11.70 -17.17 23.04
C GLU A 360 12.50 -17.03 21.74
N PHE A 361 13.83 -17.04 21.86
CA PHE A 361 14.71 -17.05 20.69
C PHE A 361 14.74 -18.42 20.03
N LEU A 362 15.17 -18.45 18.77
CA LEU A 362 15.26 -19.69 18.00
C LEU A 362 16.54 -19.72 17.16
N ASP B 2 -12.63 1.64 -4.93
CA ASP B 2 -11.85 2.91 -4.89
C ASP B 2 -10.40 2.63 -4.53
N LYS B 3 -9.50 3.54 -4.88
CA LYS B 3 -8.07 3.30 -4.73
C LYS B 3 -7.57 3.37 -3.28
N ALA B 4 -6.62 2.51 -2.95
CA ALA B 4 -6.00 2.52 -1.65
C ALA B 4 -5.35 3.88 -1.38
N MET B 5 -5.52 4.40 -0.16
CA MET B 5 -4.95 5.68 0.26
C MET B 5 -5.56 6.89 -0.45
N ALA B 6 -6.58 6.67 -1.26
CA ALA B 6 -7.17 7.72 -2.11
C ALA B 6 -7.45 9.05 -1.41
N GLY B 7 -7.82 9.01 -0.14
CA GLY B 7 -8.20 10.21 0.58
C GLY B 7 -7.12 10.74 1.51
N ASN B 8 -5.88 10.23 1.37
CA ASN B 8 -4.84 10.43 2.38
C ASN B 8 -3.75 11.44 1.96
N PHE B 9 -3.99 12.20 0.89
CA PHE B 9 -2.95 13.07 0.34
C PHE B 9 -2.24 13.96 1.37
N TRP B 10 -3.02 14.66 2.21
CA TRP B 10 -2.45 15.63 3.16
C TRP B 10 -1.54 15.05 4.23
N GLN B 11 -1.55 13.72 4.35
N GLN B 11 -1.54 13.73 4.37
CA GLN B 11 -0.68 13.00 5.28
CA GLN B 11 -0.62 13.03 5.28
C GLN B 11 0.30 12.08 4.53
C GLN B 11 0.30 12.06 4.53
N SER B 12 0.29 12.16 3.20
CA SER B 12 1.04 11.23 2.36
C SER B 12 2.51 11.59 2.26
N SER B 13 3.34 10.63 1.84
CA SER B 13 4.77 10.90 1.61
C SER B 13 4.98 11.82 0.39
N HIS B 14 4.10 11.71 -0.59
CA HIS B 14 4.11 12.57 -1.79
C HIS B 14 4.05 14.04 -1.39
N TYR B 15 3.05 14.40 -0.59
CA TYR B 15 2.84 15.78 -0.15
C TYR B 15 3.93 16.26 0.81
N LEU B 16 4.34 15.39 1.73
CA LEU B 16 5.21 15.77 2.83
C LEU B 16 6.70 15.71 2.49
N GLN B 17 7.06 14.88 1.52
CA GLN B 17 8.46 14.71 1.15
C GLN B 17 8.75 15.01 -0.32
N TRP B 18 7.74 14.99 -1.18
CA TRP B 18 7.98 15.06 -2.62
C TRP B 18 7.25 16.16 -3.37
N ILE B 19 6.87 17.20 -2.64
CA ILE B 19 6.49 18.47 -3.23
C ILE B 19 7.69 19.37 -2.95
N LEU B 20 8.47 19.67 -3.98
CA LEU B 20 9.73 20.36 -3.78
C LEU B 20 9.59 21.87 -3.92
N ASP B 21 10.59 22.58 -3.41
CA ASP B 21 10.68 24.00 -3.65
C ASP B 21 11.38 24.27 -4.98
N LYS B 22 10.81 25.17 -5.77
CA LYS B 22 11.35 25.46 -7.08
C LYS B 22 12.81 25.86 -7.03
N GLN B 23 13.19 26.69 -6.07
CA GLN B 23 14.56 27.19 -6.02
C GLN B 23 15.58 26.10 -5.70
N ASP B 24 15.23 25.20 -4.77
CA ASP B 24 16.08 24.06 -4.46
C ASP B 24 16.28 23.23 -5.73
N LEU B 25 15.19 23.03 -6.47
CA LEU B 25 15.24 22.29 -7.72
C LEU B 25 16.20 22.90 -8.74
N LEU B 26 16.03 24.18 -9.00
CA LEU B 26 16.85 24.87 -10.00
C LEU B 26 18.32 24.93 -9.56
N LYS B 27 18.54 25.08 -8.26
CA LYS B 27 19.89 25.06 -7.71
C LYS B 27 20.58 23.73 -8.04
N GLU B 28 19.93 22.60 -7.79
CA GLU B 28 20.54 21.31 -8.09
C GLU B 28 20.71 21.11 -9.59
N ARG B 29 19.96 21.86 -10.38
CA ARG B 29 19.98 21.68 -11.81
C ARG B 29 21.26 22.29 -12.39
N GLN B 30 21.80 23.29 -11.68
CA GLN B 30 22.96 24.05 -12.18
C GLN B 30 24.12 23.15 -12.57
N LYS B 31 24.28 22.04 -11.86
CA LYS B 31 25.29 21.04 -12.17
C LYS B 31 25.27 20.63 -13.65
N ASP B 32 24.10 20.30 -14.17
CA ASP B 32 23.96 19.83 -15.53
C ASP B 32 23.92 21.01 -16.51
N LEU B 33 23.60 22.20 -16.01
CA LEU B 33 23.49 23.38 -16.86
C LEU B 33 24.87 23.89 -17.29
N LYS B 34 25.93 23.31 -16.75
CA LYS B 34 27.26 23.60 -17.24
C LYS B 34 27.46 23.00 -18.65
N PHE B 35 26.75 21.92 -18.92
CA PHE B 35 26.86 21.21 -20.20
C PHE B 35 25.71 21.53 -21.17
N LEU B 36 24.54 21.76 -20.60
CA LEU B 36 23.33 22.02 -21.38
C LEU B 36 22.77 23.40 -21.02
N SER B 37 22.19 24.06 -22.02
CA SER B 37 21.43 25.28 -21.76
C SER B 37 20.11 24.87 -21.09
N GLU B 38 19.40 25.85 -20.53
CA GLU B 38 18.09 25.62 -19.90
C GLU B 38 17.10 25.08 -20.92
N GLU B 39 17.21 25.62 -22.13
CA GLU B 39 16.31 25.22 -23.21
C GLU B 39 16.53 23.75 -23.55
N GLU B 40 17.78 23.35 -23.69
CA GLU B 40 18.10 21.96 -24.03
C GLU B 40 17.73 21.04 -22.87
N TYR B 41 17.81 21.54 -21.64
CA TYR B 41 17.43 20.71 -20.52
C TYR B 41 15.90 20.42 -20.57
N TRP B 42 15.06 21.41 -20.91
CA TRP B 42 13.61 21.15 -20.95
C TRP B 42 13.21 20.34 -22.18
N LYS B 43 14.02 20.42 -23.22
CA LYS B 43 13.78 19.63 -24.41
C LYS B 43 14.10 18.18 -24.09
N LEU B 44 15.13 17.97 -23.28
CA LEU B 44 15.48 16.63 -22.84
C LEU B 44 14.37 16.04 -21.99
N GLN B 45 13.75 16.88 -21.17
CA GLN B 45 12.68 16.44 -20.26
C GLN B 45 11.48 15.94 -21.06
N ILE B 46 11.09 16.72 -22.04
CA ILE B 46 10.02 16.35 -22.95
C ILE B 46 10.36 15.03 -23.61
N PHE B 47 11.59 14.91 -24.07
CA PHE B 47 12.00 13.74 -24.82
C PHE B 47 11.81 12.49 -23.95
N PHE B 48 12.25 12.53 -22.70
CA PHE B 48 12.20 11.32 -21.86
C PHE B 48 10.80 11.07 -21.30
N THR B 49 9.99 12.12 -21.21
CA THR B 49 8.57 11.94 -20.99
C THR B 49 7.99 11.05 -22.11
N ASN B 50 8.34 11.35 -23.37
CA ASN B 50 7.78 10.61 -24.51
C ASN B 50 8.32 9.20 -24.64
N VAL B 51 9.56 8.98 -24.21
CA VAL B 51 10.11 7.63 -24.20
C VAL B 51 9.29 6.76 -23.24
N ILE B 52 9.02 7.29 -22.06
CA ILE B 52 8.31 6.56 -21.02
C ILE B 52 6.86 6.27 -21.42
N GLN B 53 6.23 7.24 -22.10
CA GLN B 53 4.89 7.02 -22.64
C GLN B 53 4.91 5.90 -23.67
N ALA B 54 5.91 5.91 -24.56
CA ALA B 54 5.98 4.89 -25.59
C ALA B 54 6.11 3.49 -24.96
N LEU B 55 7.06 3.35 -24.04
CA LEU B 55 7.24 2.10 -23.29
C LEU B 55 5.96 1.64 -22.63
N GLY B 56 5.30 2.55 -21.93
CA GLY B 56 4.01 2.25 -21.32
C GLY B 56 2.96 1.73 -22.30
N GLU B 57 2.88 2.34 -23.47
CA GLU B 57 1.89 1.96 -24.49
C GLU B 57 2.20 0.57 -25.05
N HIS B 58 3.47 0.33 -25.36
CA HIS B 58 3.90 -0.96 -25.91
C HIS B 58 3.59 -2.10 -24.93
N LEU B 59 3.63 -1.80 -23.63
CA LEU B 59 3.38 -2.81 -22.59
C LEU B 59 1.90 -2.82 -22.17
N LYS B 60 1.08 -2.04 -22.86
CA LYS B 60 -0.34 -1.97 -22.57
C LYS B 60 -0.65 -1.61 -21.11
N LEU B 61 0.09 -0.67 -20.53
CA LEU B 61 -0.19 -0.23 -19.17
C LEU B 61 -1.17 0.95 -19.17
N ARG B 62 -1.93 1.07 -18.08
CA ARG B 62 -2.87 2.19 -17.93
C ARG B 62 -2.13 3.47 -17.63
N GLN B 63 -2.77 4.57 -17.97
CA GLN B 63 -2.12 5.86 -17.97
C GLN B 63 -1.60 6.26 -16.57
N GLN B 64 -2.21 5.76 -15.51
CA GLN B 64 -1.83 6.15 -14.15
C GLN B 64 -0.47 5.55 -13.90
N VAL B 65 -0.23 4.37 -14.46
CA VAL B 65 1.02 3.68 -14.21
C VAL B 65 2.15 4.41 -14.92
N ILE B 66 1.86 4.85 -16.14
CA ILE B 66 2.81 5.62 -16.91
C ILE B 66 3.16 6.91 -16.16
N ALA B 67 2.13 7.58 -15.63
CA ALA B 67 2.33 8.80 -14.83
C ALA B 67 3.21 8.55 -13.64
N THR B 68 2.89 7.51 -12.86
CA THR B 68 3.71 7.15 -11.71
C THR B 68 5.16 6.89 -12.13
N ALA B 69 5.38 6.17 -13.22
CA ALA B 69 6.74 5.90 -13.69
C ALA B 69 7.44 7.21 -13.98
N THR B 70 6.69 8.13 -14.59
CA THR B 70 7.22 9.42 -15.02
C THR B 70 7.65 10.23 -13.81
N VAL B 71 6.84 10.21 -12.76
CA VAL B 71 7.19 10.90 -11.51
C VAL B 71 8.46 10.35 -10.86
N TYR B 72 8.62 9.02 -10.87
CA TYR B 72 9.80 8.37 -10.31
C TYR B 72 11.03 8.94 -11.00
N PHE B 73 10.99 8.90 -12.32
CA PHE B 73 12.09 9.36 -13.18
C PHE B 73 12.48 10.80 -12.84
N LYS B 74 11.47 11.65 -12.70
CA LYS B 74 11.69 13.08 -12.43
C LYS B 74 12.31 13.33 -11.06
N ARG B 75 11.85 12.59 -10.06
CA ARG B 75 12.36 12.73 -8.72
C ARG B 75 13.83 12.36 -8.69
N PHE B 76 14.22 11.40 -9.52
CA PHE B 76 15.60 10.98 -9.50
C PHE B 76 16.55 12.09 -10.01
N TYR B 77 16.22 12.67 -11.17
CA TYR B 77 17.06 13.69 -11.79
C TYR B 77 16.78 15.10 -11.24
N ALA B 78 15.82 15.20 -10.33
CA ALA B 78 15.66 16.43 -9.56
C ALA B 78 16.75 16.56 -8.50
N ARG B 79 17.38 15.44 -8.13
CA ARG B 79 18.42 15.46 -7.08
C ARG B 79 19.80 15.20 -7.66
N TYR B 80 19.83 14.43 -8.76
CA TYR B 80 21.08 13.93 -9.33
C TYR B 80 21.30 14.33 -10.77
N SER B 81 22.56 14.35 -11.18
CA SER B 81 22.96 14.72 -12.53
C SER B 81 22.59 13.63 -13.53
N LEU B 82 22.34 14.01 -14.77
CA LEU B 82 22.04 13.06 -15.84
C LEU B 82 23.20 12.08 -16.07
N LYS B 83 24.41 12.42 -15.61
CA LYS B 83 25.56 11.51 -15.74
C LYS B 83 25.56 10.39 -14.71
N SER B 84 24.76 10.54 -13.66
CA SER B 84 24.83 9.62 -12.52
C SER B 84 24.40 8.20 -12.95
N ILE B 85 23.26 8.14 -13.63
CA ILE B 85 22.78 6.90 -14.26
C ILE B 85 22.17 7.23 -15.63
N ASP B 86 22.48 6.42 -16.65
CA ASP B 86 22.00 6.66 -18.01
C ASP B 86 20.46 6.73 -18.00
N PRO B 87 19.88 7.86 -18.41
CA PRO B 87 18.41 7.91 -18.40
C PRO B 87 17.74 6.84 -19.28
N VAL B 88 18.48 6.27 -20.24
CA VAL B 88 17.95 5.23 -21.12
C VAL B 88 17.73 3.94 -20.34
N LEU B 89 18.52 3.76 -19.29
CA LEU B 89 18.34 2.62 -18.39
C LEU B 89 17.27 2.97 -17.39
N MET B 90 17.35 4.17 -16.84
CA MET B 90 16.44 4.59 -15.78
C MET B 90 14.98 4.55 -16.26
N ALA B 91 14.72 4.89 -17.52
CA ALA B 91 13.34 5.03 -17.98
C ALA B 91 12.52 3.71 -17.89
N PRO B 92 12.98 2.63 -18.53
CA PRO B 92 12.28 1.33 -18.35
C PRO B 92 12.33 0.82 -16.90
N THR B 93 13.34 1.23 -16.12
CA THR B 93 13.42 0.82 -14.72
C THR B 93 12.20 1.40 -13.98
N CYS B 94 11.88 2.66 -14.30
CA CYS B 94 10.78 3.37 -13.65
C CYS B 94 9.43 2.71 -14.03
N VAL B 95 9.25 2.43 -15.30
CA VAL B 95 8.06 1.69 -15.76
C VAL B 95 7.90 0.34 -15.02
N PHE B 96 9.01 -0.38 -14.92
CA PHE B 96 9.02 -1.69 -14.29
C PHE B 96 8.60 -1.61 -12.82
N LEU B 97 9.16 -0.66 -12.08
CA LEU B 97 8.82 -0.51 -10.67
C LEU B 97 7.37 -0.08 -10.45
N ALA B 98 6.87 0.84 -11.28
CA ALA B 98 5.52 1.35 -11.12
C ALA B 98 4.48 0.29 -11.45
N SER B 99 4.77 -0.55 -12.44
CA SER B 99 3.89 -1.66 -12.78
C SER B 99 3.72 -2.57 -11.57
N LYS B 100 4.78 -2.73 -10.78
CA LYS B 100 4.72 -3.66 -9.65
C LYS B 100 3.96 -3.08 -8.46
N VAL B 101 3.65 -1.79 -8.52
CA VAL B 101 2.94 -1.16 -7.40
C VAL B 101 1.46 -1.56 -7.32
N GLU B 102 0.89 -2.06 -8.40
CA GLU B 102 -0.49 -2.55 -8.36
C GLU B 102 -0.59 -4.05 -8.68
N GLU B 103 -1.80 -4.61 -8.61
CA GLU B 103 -2.04 -5.98 -9.05
C GLU B 103 -1.93 -6.10 -10.59
N PHE B 104 -1.51 -7.28 -11.07
CA PHE B 104 -1.06 -7.45 -12.46
C PHE B 104 0.07 -6.43 -12.76
N GLY B 105 1.32 -6.88 -12.64
CA GLY B 105 2.43 -5.95 -12.57
C GLY B 105 3.83 -6.45 -12.88
N VAL B 106 4.24 -7.62 -12.39
CA VAL B 106 5.58 -8.10 -12.73
C VAL B 106 5.61 -8.37 -14.21
N VAL B 107 6.04 -7.36 -14.94
CA VAL B 107 6.30 -7.49 -16.35
C VAL B 107 7.47 -8.41 -16.45
N SER B 108 7.38 -9.41 -17.33
CA SER B 108 8.43 -10.40 -17.40
C SER B 108 9.70 -9.75 -17.88
N ASN B 109 10.81 -10.41 -17.61
CA ASN B 109 12.12 -9.94 -17.99
C ASN B 109 12.18 -9.84 -19.51
N THR B 110 11.86 -10.93 -20.18
CA THR B 110 11.97 -10.99 -21.64
C THR B 110 11.14 -9.87 -22.28
N ARG B 111 10.05 -9.52 -21.62
CA ARG B 111 9.09 -8.56 -22.14
C ARG B 111 9.53 -7.12 -21.89
N LEU B 112 10.03 -6.83 -20.70
CA LEU B 112 10.60 -5.51 -20.42
C LEU B 112 11.68 -5.18 -21.45
N ILE B 113 12.64 -6.07 -21.61
CA ILE B 113 13.75 -5.85 -22.51
C ILE B 113 13.31 -5.74 -23.96
N ALA B 114 12.38 -6.61 -24.36
CA ALA B 114 11.84 -6.59 -25.73
C ALA B 114 11.14 -5.27 -26.02
N ALA B 115 10.35 -4.81 -25.06
CA ALA B 115 9.66 -3.52 -25.17
C ALA B 115 10.65 -2.36 -25.35
N ALA B 116 11.64 -2.27 -24.47
CA ALA B 116 12.61 -1.16 -24.55
C ALA B 116 13.38 -1.23 -25.88
N THR B 117 13.80 -2.43 -26.26
CA THR B 117 14.50 -2.64 -27.52
C THR B 117 13.65 -2.19 -28.71
N SER B 118 12.41 -2.67 -28.76
CA SER B 118 11.51 -2.38 -29.90
C SER B 118 11.16 -0.90 -29.99
N VAL B 119 10.86 -0.29 -28.85
CA VAL B 119 10.40 1.10 -28.84
C VAL B 119 11.49 2.05 -29.33
N LEU B 120 12.73 1.82 -28.91
CA LEU B 120 13.81 2.71 -29.34
C LEU B 120 14.09 2.55 -30.84
N LYS B 121 14.04 1.31 -31.31
CA LYS B 121 14.33 0.98 -32.71
C LYS B 121 13.27 1.57 -33.65
N THR B 122 12.00 1.34 -33.36
CA THR B 122 10.93 1.74 -34.26
C THR B 122 10.49 3.20 -34.09
N ARG B 123 10.39 3.68 -32.85
CA ARG B 123 9.89 5.03 -32.57
C ARG B 123 10.96 6.10 -32.29
N PHE B 124 12.21 5.70 -32.01
CA PHE B 124 13.23 6.67 -31.60
C PHE B 124 14.58 6.50 -32.32
N SER B 125 14.56 5.94 -33.53
CA SER B 125 15.80 5.73 -34.29
C SER B 125 16.47 7.05 -34.69
N TYR B 126 15.76 8.16 -34.57
CA TYR B 126 16.36 9.47 -34.86
C TYR B 126 17.33 9.88 -33.76
N ALA B 127 17.17 9.31 -32.57
CA ALA B 127 18.00 9.65 -31.43
C ALA B 127 18.99 8.53 -31.13
N PHE B 128 18.56 7.28 -31.33
CA PHE B 128 19.34 6.11 -30.96
C PHE B 128 19.65 5.24 -32.18
N PRO B 129 20.82 5.46 -32.81
CA PRO B 129 21.21 4.61 -33.94
C PRO B 129 21.63 3.22 -33.47
N LYS B 130 22.05 3.12 -32.22
CA LYS B 130 22.49 1.85 -31.64
C LYS B 130 21.38 1.18 -30.85
N GLU B 131 21.42 -0.14 -30.83
CA GLU B 131 20.39 -0.95 -30.18
C GLU B 131 20.45 -0.78 -28.65
N PHE B 132 19.33 -1.01 -27.97
CA PHE B 132 19.28 -0.98 -26.50
C PHE B 132 20.35 -1.93 -25.97
N PRO B 133 21.33 -1.41 -25.22
CA PRO B 133 22.45 -2.24 -24.76
C PRO B 133 22.30 -2.83 -23.35
N TYR B 134 21.19 -2.58 -22.66
CA TYR B 134 21.04 -3.06 -21.29
C TYR B 134 20.21 -4.33 -21.15
N ARG B 135 20.60 -5.12 -20.15
CA ARG B 135 19.97 -6.38 -19.81
C ARG B 135 19.34 -6.24 -18.43
N MET B 136 18.65 -7.29 -18.01
CA MET B 136 17.80 -7.23 -16.84
C MET B 136 18.59 -7.04 -15.54
N ASN B 137 19.82 -7.52 -15.47
CA ASN B 137 20.61 -7.35 -14.25
C ASN B 137 20.93 -5.88 -14.01
N HIS B 138 21.03 -5.12 -15.11
CA HIS B 138 21.20 -3.66 -15.03
C HIS B 138 19.92 -2.97 -14.56
N ILE B 139 18.79 -3.41 -15.08
CA ILE B 139 17.48 -2.92 -14.63
C ILE B 139 17.37 -3.09 -13.11
N LEU B 140 17.69 -4.30 -12.64
CA LEU B 140 17.55 -4.65 -11.22
C LEU B 140 18.53 -3.87 -10.35
N GLU B 141 19.70 -3.57 -10.88
CA GLU B 141 20.67 -2.75 -10.14
C GLU B 141 20.10 -1.36 -10.04
N CYS B 142 19.63 -0.84 -11.16
CA CYS B 142 19.08 0.51 -11.22
C CYS B 142 17.84 0.64 -10.31
N GLU B 143 17.08 -0.43 -10.18
CA GLU B 143 15.88 -0.42 -9.33
C GLU B 143 16.26 -0.13 -7.87
N PHE B 144 17.34 -0.74 -7.41
CA PHE B 144 17.74 -0.52 -6.01
C PHE B 144 18.15 0.93 -5.76
N TYR B 145 18.79 1.56 -6.74
CA TYR B 145 19.24 2.95 -6.58
C TYR B 145 18.04 3.89 -6.55
N LEU B 146 17.05 3.57 -7.37
CA LEU B 146 15.83 4.36 -7.49
C LEU B 146 15.00 4.27 -6.22
N LEU B 147 14.88 3.07 -5.69
CA LEU B 147 14.12 2.82 -4.48
C LEU B 147 14.77 3.56 -3.29
N GLU B 148 16.11 3.53 -3.25
CA GLU B 148 16.92 4.23 -2.25
C GLU B 148 16.71 5.74 -2.34
N LEU B 149 16.87 6.29 -3.53
CA LEU B 149 16.65 7.72 -3.73
C LEU B 149 15.26 8.15 -3.25
N MET B 150 14.24 7.36 -3.55
CA MET B 150 12.87 7.73 -3.16
C MET B 150 12.53 7.36 -1.73
N ASP B 151 13.51 6.77 -1.02
CA ASP B 151 13.29 6.30 0.35
C ASP B 151 12.02 5.46 0.41
N CYS B 152 11.81 4.65 -0.62
CA CYS B 152 10.68 3.76 -0.70
C CYS B 152 9.31 4.46 -0.63
N CYS B 153 9.24 5.71 -1.10
CA CYS B 153 7.94 6.40 -1.27
C CYS B 153 7.37 6.10 -2.64
N LEU B 154 6.45 5.14 -2.72
CA LEU B 154 6.04 4.56 -4.01
C LEU B 154 4.67 5.00 -4.44
N ILE B 155 3.81 5.30 -3.48
CA ILE B 155 2.45 5.74 -3.74
C ILE B 155 2.44 7.18 -4.25
N VAL B 156 2.03 7.35 -5.50
CA VAL B 156 1.97 8.67 -6.13
C VAL B 156 0.53 9.02 -6.52
N TYR B 157 0.11 10.23 -6.14
CA TYR B 157 -1.17 10.83 -6.53
C TYR B 157 -1.04 11.60 -7.84
N HIS B 158 -2.13 11.64 -8.62
CA HIS B 158 -2.14 12.28 -9.92
C HIS B 158 -3.44 13.03 -10.10
N PRO B 159 -3.47 13.99 -11.04
CA PRO B 159 -4.62 14.88 -11.24
C PRO B 159 -5.84 14.20 -11.86
N TYR B 160 -5.70 13.00 -12.40
CA TYR B 160 -6.82 12.36 -13.12
C TYR B 160 -8.06 12.17 -12.25
N ARG B 161 -7.86 11.62 -11.06
CA ARG B 161 -8.97 11.36 -10.14
C ARG B 161 -9.71 12.64 -9.78
N PRO B 162 -9.01 13.64 -9.24
CA PRO B 162 -9.73 14.89 -8.93
C PRO B 162 -10.39 15.54 -10.16
N LEU B 163 -9.73 15.52 -11.32
CA LEU B 163 -10.29 16.09 -12.56
C LEU B 163 -11.66 15.50 -12.85
N LEU B 164 -11.72 14.17 -12.79
CA LEU B 164 -12.94 13.44 -13.03
C LEU B 164 -14.06 13.91 -12.08
N GLN B 165 -13.72 14.14 -10.82
CA GLN B 165 -14.72 14.54 -9.83
C GLN B 165 -15.19 15.94 -10.16
N TYR B 166 -14.27 16.78 -10.61
CA TYR B 166 -14.60 18.16 -10.90
C TYR B 166 -15.58 18.28 -12.05
N VAL B 167 -15.30 17.59 -13.16
CA VAL B 167 -16.16 17.70 -14.34
C VAL B 167 -17.54 17.08 -14.10
N GLN B 168 -17.59 16.07 -13.22
CA GLN B 168 -18.86 15.46 -12.86
C GLN B 168 -19.71 16.47 -12.13
N ASP B 169 -19.08 17.22 -11.21
CA ASP B 169 -19.76 18.28 -10.48
C ASP B 169 -20.27 19.39 -11.41
N MET B 170 -19.52 19.66 -12.48
CA MET B 170 -19.91 20.66 -13.47
C MET B 170 -21.09 20.19 -14.29
N GLY B 171 -21.23 18.87 -14.41
CA GLY B 171 -22.20 18.27 -15.31
C GLY B 171 -21.76 18.38 -16.76
N GLN B 172 -20.46 18.43 -17.01
CA GLN B 172 -19.93 18.61 -18.36
C GLN B 172 -18.87 17.57 -18.71
N GLU B 173 -19.11 16.34 -18.29
CA GLU B 173 -18.12 15.27 -18.42
C GLU B 173 -17.84 14.88 -19.87
N ASP B 174 -18.88 14.93 -20.70
CA ASP B 174 -18.77 14.52 -22.09
C ASP B 174 -18.04 15.58 -22.88
N MET B 175 -18.33 16.84 -22.56
CA MET B 175 -17.78 17.95 -23.32
C MET B 175 -16.32 18.22 -23.00
N LEU B 176 -15.98 18.24 -21.72
CA LEU B 176 -14.69 18.76 -21.25
C LEU B 176 -13.62 17.72 -20.91
N LEU B 177 -14.04 16.52 -20.54
CA LEU B 177 -13.09 15.54 -19.99
C LEU B 177 -11.98 15.13 -20.97
N PRO B 178 -12.34 14.78 -22.21
CA PRO B 178 -11.30 14.27 -23.12
C PRO B 178 -10.16 15.27 -23.31
N LEU B 179 -10.50 16.54 -23.53
CA LEU B 179 -9.46 17.55 -23.72
C LEU B 179 -8.69 17.79 -22.44
N ALA B 180 -9.40 17.96 -21.32
CA ALA B 180 -8.77 18.21 -20.02
C ALA B 180 -7.82 17.07 -19.67
N TRP B 181 -8.27 15.86 -19.94
CA TRP B 181 -7.45 14.67 -19.68
C TRP B 181 -6.12 14.75 -20.46
N ARG B 182 -6.20 15.08 -21.76
CA ARG B 182 -5.00 15.08 -22.59
C ARG B 182 -4.07 16.20 -22.16
N ILE B 183 -4.63 17.30 -21.69
CA ILE B 183 -3.80 18.41 -21.17
C ILE B 183 -3.07 17.98 -19.89
N VAL B 184 -3.76 17.24 -19.02
CA VAL B 184 -3.08 16.65 -17.85
C VAL B 184 -1.87 15.81 -18.29
N ASN B 185 -2.07 14.92 -19.27
CA ASN B 185 -0.95 14.14 -19.80
C ASN B 185 0.21 15.05 -20.15
N ASP B 186 -0.08 16.17 -20.81
CA ASP B 186 0.97 17.07 -21.31
C ASP B 186 1.70 17.82 -20.19
N THR B 187 1.06 17.95 -19.02
CA THR B 187 1.71 18.65 -17.92
C THR B 187 2.95 17.86 -17.47
N TYR B 188 2.96 16.56 -17.75
CA TYR B 188 4.10 15.74 -17.35
C TYR B 188 5.38 16.10 -18.13
N ARG B 189 5.23 16.89 -19.19
CA ARG B 189 6.38 17.42 -19.95
C ARG B 189 7.14 18.53 -19.18
N THR B 190 6.58 18.96 -18.06
CA THR B 190 7.12 20.07 -17.27
C THR B 190 7.48 19.59 -15.87
N ASP B 191 7.94 20.52 -15.04
CA ASP B 191 8.24 20.27 -13.63
C ASP B 191 7.00 20.31 -12.73
N LEU B 192 5.81 20.41 -13.31
CA LEU B 192 4.66 20.74 -12.50
C LEU B 192 4.35 19.75 -11.37
N CYS B 193 4.48 18.46 -11.63
CA CYS B 193 4.02 17.47 -10.65
C CYS B 193 4.91 17.52 -9.40
N LEU B 194 6.12 18.07 -9.54
CA LEU B 194 7.04 18.17 -8.40
C LEU B 194 6.74 19.38 -7.53
N LEU B 195 5.97 20.34 -8.07
CA LEU B 195 5.84 21.65 -7.46
C LEU B 195 4.46 21.95 -6.86
N TYR B 196 3.43 21.27 -7.36
CA TYR B 196 2.04 21.54 -6.95
C TYR B 196 1.27 20.28 -6.59
N PRO B 197 0.33 20.37 -5.65
CA PRO B 197 -0.59 19.26 -5.40
C PRO B 197 -1.40 18.91 -6.66
N PRO B 198 -1.66 17.62 -6.92
CA PRO B 198 -2.40 17.18 -8.12
C PRO B 198 -3.76 17.87 -8.36
N PHE B 199 -4.55 18.11 -7.32
CA PHE B 199 -5.87 18.75 -7.54
C PHE B 199 -5.75 20.18 -8.14
N MET B 200 -4.69 20.92 -7.80
CA MET B 200 -4.48 22.25 -8.38
C MET B 200 -4.16 22.16 -9.87
N ILE B 201 -3.40 21.14 -10.25
CA ILE B 201 -3.04 20.93 -11.64
C ILE B 201 -4.30 20.55 -12.40
N ALA B 202 -5.16 19.79 -11.74
CA ALA B 202 -6.39 19.38 -12.36
C ALA B 202 -7.21 20.61 -12.68
N LEU B 203 -7.32 21.53 -11.72
CA LEU B 203 -8.11 22.74 -11.97
C LEU B 203 -7.56 23.56 -13.13
N ALA B 204 -6.23 23.71 -13.21
CA ALA B 204 -5.59 24.52 -14.26
C ALA B 204 -5.86 23.93 -15.64
N CYS B 205 -5.67 22.62 -15.75
CA CYS B 205 -6.00 21.89 -16.98
C CYS B 205 -7.46 22.05 -17.41
N LEU B 206 -8.37 21.94 -16.44
CA LEU B 206 -9.80 22.10 -16.70
C LEU B 206 -10.09 23.52 -17.16
N HIS B 207 -9.40 24.49 -16.56
CA HIS B 207 -9.59 25.89 -16.95
C HIS B 207 -9.17 26.13 -18.39
N VAL B 208 -8.02 25.59 -18.80
CA VAL B 208 -7.53 25.75 -20.16
C VAL B 208 -8.46 25.04 -21.14
N ALA B 209 -9.05 23.93 -20.71
CA ALA B 209 -9.94 23.18 -21.57
C ALA B 209 -11.20 23.99 -21.83
N CYS B 210 -11.71 24.62 -20.78
CA CYS B 210 -12.89 25.48 -20.88
C CYS B 210 -12.64 26.64 -21.85
N VAL B 211 -11.50 27.31 -21.68
CA VAL B 211 -11.12 28.39 -22.57
C VAL B 211 -11.09 27.94 -24.02
N VAL B 212 -10.37 26.85 -24.28
CA VAL B 212 -10.24 26.32 -25.63
C VAL B 212 -11.59 26.01 -26.24
N GLN B 213 -12.51 25.47 -25.44
CA GLN B 213 -13.81 25.07 -25.95
C GLN B 213 -14.87 26.16 -25.78
N GLN B 214 -14.43 27.33 -25.31
CA GLN B 214 -15.31 28.48 -25.15
C GLN B 214 -16.50 28.17 -24.27
N LYS B 215 -16.24 27.60 -23.09
CA LYS B 215 -17.28 27.35 -22.11
C LYS B 215 -17.07 28.30 -20.94
N ASP B 216 -18.14 28.99 -20.53
CA ASP B 216 -18.12 29.84 -19.35
C ASP B 216 -18.31 29.02 -18.08
N ALA B 217 -17.29 29.04 -17.22
CA ALA B 217 -17.32 28.31 -15.96
C ALA B 217 -16.86 29.21 -14.84
N ARG B 218 -16.89 30.52 -15.09
CA ARG B 218 -16.40 31.50 -14.14
C ARG B 218 -17.07 31.35 -12.78
N GLN B 219 -18.40 31.25 -12.76
CA GLN B 219 -19.11 31.19 -11.50
C GLN B 219 -18.72 29.95 -10.72
N TRP B 220 -18.63 28.81 -11.40
CA TRP B 220 -18.23 27.56 -10.78
C TRP B 220 -16.85 27.65 -10.12
N PHE B 221 -15.91 28.23 -10.84
CA PHE B 221 -14.57 28.44 -10.34
C PHE B 221 -14.59 29.43 -9.17
N ALA B 222 -15.43 30.46 -9.30
CA ALA B 222 -15.51 31.50 -8.28
C ALA B 222 -16.02 30.93 -6.95
N GLU B 223 -16.82 29.86 -7.04
CA GLU B 223 -17.36 29.17 -5.86
C GLU B 223 -16.30 28.27 -5.20
N LEU B 224 -15.15 28.10 -5.84
CA LEU B 224 -14.07 27.30 -5.27
C LEU B 224 -13.37 28.06 -4.16
N SER B 225 -12.96 27.34 -3.13
CA SER B 225 -12.20 27.91 -2.05
C SER B 225 -10.78 27.44 -2.25
N VAL B 226 -10.00 28.22 -2.98
CA VAL B 226 -8.62 27.85 -3.33
C VAL B 226 -7.79 29.07 -3.77
N ASP B 227 -6.51 29.03 -3.43
CA ASP B 227 -5.57 30.07 -3.86
C ASP B 227 -5.52 30.10 -5.39
N MET B 228 -6.26 31.05 -5.97
CA MET B 228 -6.41 31.11 -7.42
C MET B 228 -5.16 31.71 -8.09
N GLU B 229 -4.29 32.31 -7.29
CA GLU B 229 -3.04 32.88 -7.80
C GLU B 229 -2.08 31.75 -8.16
N LYS B 230 -2.10 30.69 -7.38
CA LYS B 230 -1.28 29.52 -7.65
C LYS B 230 -1.83 28.75 -8.86
N ILE B 231 -3.12 28.86 -9.10
CA ILE B 231 -3.72 28.23 -10.27
C ILE B 231 -3.29 28.95 -11.53
N LEU B 232 -3.18 30.28 -11.44
CA LEU B 232 -2.78 31.09 -12.59
C LEU B 232 -1.32 30.78 -12.94
N GLU B 233 -0.49 30.61 -11.93
CA GLU B 233 0.88 30.17 -12.14
C GLU B 233 0.91 28.91 -13.02
N ILE B 234 0.07 27.93 -12.68
CA ILE B 234 0.11 26.66 -13.38
C ILE B 234 -0.39 26.83 -14.81
N ILE B 235 -1.43 27.62 -14.97
CA ILE B 235 -1.98 27.92 -16.29
C ILE B 235 -0.91 28.54 -17.16
N ARG B 236 -0.07 29.42 -16.62
CA ARG B 236 0.95 30.04 -17.46
C ARG B 236 1.96 29.01 -17.99
N VAL B 237 2.35 28.05 -17.14
CA VAL B 237 3.30 27.01 -17.53
C VAL B 237 2.72 26.16 -18.65
N ILE B 238 1.43 25.88 -18.53
CA ILE B 238 0.70 25.11 -19.55
C ILE B 238 0.70 25.84 -20.88
N LEU B 239 0.36 27.13 -20.87
CA LEU B 239 0.34 27.89 -22.11
C LEU B 239 1.73 27.97 -22.73
N LYS B 240 2.75 28.11 -21.88
CA LYS B 240 4.14 28.18 -22.34
C LYS B 240 4.54 26.86 -22.99
N LEU B 241 4.19 25.75 -22.36
CA LEU B 241 4.49 24.43 -22.88
C LEU B 241 4.00 24.25 -24.32
N TYR B 242 2.80 24.74 -24.65
CA TYR B 242 2.33 24.62 -26.03
C TYR B 242 3.10 25.48 -27.03
N GLU B 243 3.71 26.56 -26.57
CA GLU B 243 4.55 27.38 -27.44
C GLU B 243 5.91 26.70 -27.66
N GLN B 244 6.42 26.05 -26.61
CA GLN B 244 7.68 25.31 -26.67
C GLN B 244 7.45 24.15 -27.65
N TRP B 245 6.29 23.51 -27.50
CA TRP B 245 5.91 22.39 -28.35
C TRP B 245 5.99 22.82 -29.82
N LYS B 246 5.33 23.93 -30.15
CA LYS B 246 5.32 24.47 -31.49
C LYS B 246 6.73 24.69 -32.07
N ASN B 247 7.63 25.28 -31.28
CA ASN B 247 8.97 25.68 -31.78
C ASN B 247 10.03 24.58 -31.77
N PHE B 248 9.77 23.51 -31.04
CA PHE B 248 10.72 22.44 -30.81
C PHE B 248 10.51 21.35 -31.87
N ASP B 249 11.56 21.00 -32.60
CA ASP B 249 11.52 19.81 -33.47
C ASP B 249 12.36 18.68 -32.87
N GLU B 250 11.69 17.86 -32.10
CA GLU B 250 12.31 16.78 -31.35
C GLU B 250 13.20 15.96 -32.25
N ARG B 251 12.71 15.66 -33.45
CA ARG B 251 13.39 14.67 -34.29
C ARG B 251 14.64 15.20 -34.95
N LYS B 252 14.73 16.51 -35.12
CA LYS B 252 15.90 17.09 -35.76
C LYS B 252 16.98 17.44 -34.72
N GLU B 253 16.55 17.76 -33.50
CA GLU B 253 17.42 18.33 -32.49
C GLU B 253 18.00 17.33 -31.50
N MET B 254 17.30 16.24 -31.24
CA MET B 254 17.56 15.51 -30.00
C MET B 254 18.88 14.71 -29.99
N ALA B 255 19.34 14.21 -31.13
CA ALA B 255 20.62 13.48 -31.18
C ALA B 255 21.75 14.38 -30.72
N THR B 256 21.71 15.62 -31.19
CA THR B 256 22.71 16.60 -30.83
C THR B 256 22.61 16.94 -29.35
N ILE B 257 21.39 17.06 -28.84
CA ILE B 257 21.21 17.41 -27.44
C ILE B 257 21.68 16.28 -26.52
N LEU B 258 21.46 15.05 -26.95
CA LEU B 258 21.89 13.90 -26.18
C LEU B 258 23.41 13.85 -26.11
N SER B 259 24.12 14.23 -27.18
CA SER B 259 25.58 14.14 -27.16
C SER B 259 26.21 15.15 -26.18
N LYS B 260 25.49 16.24 -25.89
CA LYS B 260 25.94 17.24 -24.92
C LYS B 260 25.78 16.85 -23.46
N MET B 261 24.92 15.86 -23.17
CA MET B 261 24.68 15.44 -21.81
C MET B 261 25.97 14.98 -21.17
N PRO B 262 26.21 15.37 -19.90
CA PRO B 262 27.48 14.96 -19.27
C PRO B 262 27.66 13.44 -19.28
N LYS B 263 28.92 13.02 -19.35
CA LYS B 263 29.27 11.62 -19.46
C LYS B 263 29.63 11.01 -18.09
N PRO B 264 29.23 9.75 -17.84
CA PRO B 264 29.63 9.07 -16.60
C PRO B 264 31.13 8.88 -16.50
N LYS B 265 31.73 9.25 -15.37
CA LYS B 265 33.14 8.96 -15.17
C LYS B 265 33.26 7.45 -14.97
N PRO B 266 34.26 6.82 -15.59
CA PRO B 266 34.51 5.41 -15.31
C PRO B 266 35.35 5.23 -14.05
N PRO B 267 35.63 3.99 -13.64
CA PRO B 267 36.54 3.74 -12.51
C PRO B 267 37.99 3.93 -12.90
N PRO B 268 38.91 3.85 -11.93
CA PRO B 268 40.37 3.83 -12.15
C PRO B 268 40.83 2.55 -12.83
#